data_2J8R
#
_entry.id   2J8R
#
_cell.length_a   47.637
_cell.length_b   57.197
_cell.length_c   125.180
_cell.angle_alpha   90.00
_cell.angle_beta   90.00
_cell.angle_gamma   90.00
#
_symmetry.space_group_name_H-M   'P 21 21 21'
#
loop_
_entity.id
_entity.type
_entity.pdbx_description
1 polymer 'ACETYLTRANSFERASE PA4866 FROM P. AERUGINOSA'
2 non-polymer GLYCEROL
3 non-polymer 'AZIDE ION'
4 non-polymer '(2S)-2-AMINO-4-(METHYLSULFONIMIDOYL)BUTANOIC ACID'
5 water water
#
_entity_poly.entity_id   1
_entity_poly.type   'polypeptide(L)'
_entity_poly.pdbx_seq_one_letter_code
;MSASIRDAGVADLPGILAIYNDAVGNTTAIWNETPVDLANRQAWFDARARQGYPILVASDAAGEVLGYASYGDWRPFEGF
RGTVEHSVYVRDDQRGKGLGVQLLQALIERARAQGLHVMVAAIESGNAASIGLHRRLGFEISGQMPQVGQKFGRWLDLTF
MQLNLDPTRSAP
;
_entity_poly.pdbx_strand_id   A,B
#
loop_
_chem_comp.id
_chem_comp.type
_chem_comp.name
_chem_comp.formula
AZI non-polymer 'AZIDE ION' 'N3 -1'
GOL non-polymer GLYCEROL 'C3 H8 O3'
#
# COMPACT_ATOMS: atom_id res chain seq x y z
N ALA A 3 -31.38 5.85 -7.27
CA ALA A 3 -30.26 5.71 -8.25
C ALA A 3 -30.08 4.28 -8.69
N SER A 4 -29.54 4.13 -9.90
N SER A 4 -29.52 4.14 -9.89
CA SER A 4 -29.25 2.82 -10.50
CA SER A 4 -29.25 2.82 -10.47
C SER A 4 -27.74 2.73 -10.59
C SER A 4 -27.73 2.73 -10.59
N ILE A 5 -27.21 1.51 -10.45
CA ILE A 5 -25.77 1.28 -10.52
C ILE A 5 -25.42 0.62 -11.85
N ARG A 6 -24.46 1.18 -12.58
CA ARG A 6 -24.02 0.63 -13.86
C ARG A 6 -22.55 0.92 -14.10
N ASP A 7 -21.97 0.26 -15.11
CA ASP A 7 -20.57 0.49 -15.43
C ASP A 7 -20.44 1.88 -16.03
N ALA A 8 -19.33 2.54 -15.72
CA ALA A 8 -19.10 3.89 -16.25
C ALA A 8 -18.74 3.82 -17.72
N GLY A 9 -19.06 4.89 -18.43
CA GLY A 9 -18.73 5.00 -19.84
C GLY A 9 -17.96 6.30 -19.98
N VAL A 10 -17.37 6.54 -21.15
CA VAL A 10 -16.61 7.77 -21.37
C VAL A 10 -17.43 9.04 -21.07
N ALA A 11 -18.73 9.03 -21.39
CA ALA A 11 -19.58 10.18 -21.15
C ALA A 11 -19.73 10.51 -19.65
N ASP A 12 -19.39 9.55 -18.80
CA ASP A 12 -19.49 9.76 -17.35
C ASP A 12 -18.25 10.39 -16.75
N LEU A 13 -17.16 10.42 -17.50
CA LEU A 13 -15.91 10.97 -16.98
C LEU A 13 -15.95 12.42 -16.50
N PRO A 14 -16.64 13.33 -17.23
CA PRO A 14 -16.66 14.71 -16.72
C PRO A 14 -17.30 14.77 -15.33
N GLY A 15 -18.35 13.96 -15.13
CA GLY A 15 -19.03 13.93 -13.85
C GLY A 15 -18.14 13.35 -12.77
N ILE A 16 -17.44 12.27 -13.13
CA ILE A 16 -16.53 11.62 -12.19
C ILE A 16 -15.37 12.56 -11.85
N LEU A 17 -14.88 13.29 -12.85
CA LEU A 17 -13.80 14.24 -12.65
C LEU A 17 -14.18 15.31 -11.62
N ALA A 18 -15.39 15.84 -11.74
CA ALA A 18 -15.85 16.88 -10.82
C ALA A 18 -15.90 16.36 -9.39
N ILE A 19 -16.44 15.15 -9.21
CA ILE A 19 -16.53 14.57 -7.88
C ILE A 19 -15.14 14.34 -7.32
N TYR A 20 -14.26 13.77 -8.13
CA TYR A 20 -12.88 13.51 -7.71
C TYR A 20 -12.19 14.80 -7.28
N ASN A 21 -12.21 15.81 -8.14
CA ASN A 21 -11.55 17.07 -7.84
C ASN A 21 -12.15 17.79 -6.63
N ASP A 22 -13.45 17.62 -6.40
CA ASP A 22 -14.06 18.25 -5.24
C ASP A 22 -13.56 17.53 -3.99
N ALA A 23 -13.36 16.21 -4.08
CA ALA A 23 -12.87 15.49 -2.91
C ALA A 23 -11.43 15.91 -2.64
N VAL A 24 -10.67 16.13 -3.71
CA VAL A 24 -9.29 16.56 -3.58
C VAL A 24 -9.19 17.90 -2.85
N GLY A 25 -10.06 18.84 -3.22
CA GLY A 25 -9.98 20.14 -2.59
C GLY A 25 -10.68 20.32 -1.25
N ASN A 26 -11.73 19.53 -0.98
CA ASN A 26 -12.49 19.74 0.25
C ASN A 26 -12.52 18.65 1.31
N THR A 27 -11.93 17.49 1.04
CA THR A 27 -12.00 16.41 2.02
C THR A 27 -10.68 15.72 2.29
N THR A 28 -10.71 14.78 3.24
CA THR A 28 -9.53 13.99 3.57
C THR A 28 -9.76 12.57 3.05
N ALA A 29 -10.71 12.42 2.13
CA ALA A 29 -11.02 11.11 1.56
C ALA A 29 -9.90 10.64 0.63
N ILE A 30 -9.27 11.59 -0.04
CA ILE A 30 -8.17 11.31 -0.95
C ILE A 30 -7.00 12.19 -0.53
N TRP A 31 -5.84 11.58 -0.29
CA TRP A 31 -4.69 12.33 0.16
C TRP A 31 -3.80 12.87 -0.95
N ASN A 32 -4.43 13.69 -1.78
CA ASN A 32 -3.80 14.42 -2.88
C ASN A 32 -4.38 15.82 -2.74
N GLU A 33 -3.59 16.84 -3.07
CA GLU A 33 -4.07 18.21 -2.99
C GLU A 33 -4.04 18.87 -4.36
N THR A 34 -3.63 18.12 -5.38
N THR A 34 -3.62 18.13 -5.38
CA THR A 34 -3.56 18.62 -6.74
CA THR A 34 -3.56 18.67 -6.73
C THR A 34 -4.68 18.04 -7.59
C THR A 34 -4.67 18.06 -7.59
N PRO A 35 -5.52 18.90 -8.19
CA PRO A 35 -6.61 18.40 -9.02
C PRO A 35 -6.06 17.82 -10.33
N VAL A 36 -6.83 16.93 -10.96
CA VAL A 36 -6.41 16.31 -12.22
C VAL A 36 -7.32 16.80 -13.35
N ASP A 37 -7.00 16.43 -14.58
CA ASP A 37 -7.82 16.84 -15.70
C ASP A 37 -8.52 15.65 -16.33
N LEU A 38 -9.35 15.91 -17.33
CA LEU A 38 -10.11 14.85 -17.98
C LEU A 38 -9.22 13.76 -18.56
N ALA A 39 -8.09 14.15 -19.17
CA ALA A 39 -7.17 13.19 -19.76
C ALA A 39 -6.69 12.18 -18.72
N ASN A 40 -6.44 12.65 -17.51
CA ASN A 40 -5.99 11.80 -16.43
C ASN A 40 -7.05 10.73 -16.16
N ARG A 41 -8.31 11.17 -16.10
CA ARG A 41 -9.39 10.24 -15.86
C ARG A 41 -9.64 9.29 -17.02
N GLN A 42 -9.40 9.76 -18.25
CA GLN A 42 -9.59 8.90 -19.42
C GLN A 42 -8.54 7.79 -19.38
N ALA A 43 -7.32 8.15 -18.99
CA ALA A 43 -6.23 7.18 -18.90
C ALA A 43 -6.56 6.14 -17.82
N TRP A 44 -7.08 6.62 -16.70
CA TRP A 44 -7.48 5.77 -15.57
C TRP A 44 -8.59 4.82 -16.03
N PHE A 45 -9.54 5.35 -16.78
CA PHE A 45 -10.67 4.58 -17.30
C PHE A 45 -10.19 3.40 -18.14
N ASP A 46 -9.28 3.68 -19.07
CA ASP A 46 -8.76 2.63 -19.94
C ASP A 46 -7.85 1.65 -19.19
N ALA A 47 -7.09 2.17 -18.22
CA ALA A 47 -6.20 1.32 -17.43
C ALA A 47 -6.97 0.29 -16.62
N ARG A 48 -8.07 0.70 -16.01
CA ARG A 48 -8.89 -0.21 -15.21
C ARG A 48 -9.47 -1.31 -16.08
N ALA A 49 -10.00 -0.91 -17.23
CA ALA A 49 -10.58 -1.89 -18.16
C ALA A 49 -9.52 -2.93 -18.52
N ARG A 50 -8.31 -2.48 -18.79
CA ARG A 50 -7.25 -3.43 -19.13
C ARG A 50 -7.02 -4.48 -18.06
N GLN A 51 -7.24 -4.14 -16.81
CA GLN A 51 -7.05 -5.06 -15.73
C GLN A 51 -8.32 -5.81 -15.36
N GLY A 52 -9.42 -5.50 -16.03
CA GLY A 52 -10.66 -6.19 -15.73
C GLY A 52 -11.29 -5.64 -14.45
N TYR A 53 -10.81 -4.49 -13.99
CA TYR A 53 -11.33 -3.88 -12.78
C TYR A 53 -12.46 -2.94 -13.19
N PRO A 54 -13.61 -3.02 -12.49
CA PRO A 54 -14.76 -2.17 -12.82
C PRO A 54 -14.70 -0.75 -12.29
N ILE A 55 -15.51 0.10 -12.92
CA ILE A 55 -15.69 1.49 -12.51
C ILE A 55 -17.21 1.60 -12.58
N LEU A 56 -17.84 1.73 -11.42
CA LEU A 56 -19.28 1.82 -11.35
C LEU A 56 -19.75 3.22 -11.01
N VAL A 57 -20.92 3.58 -11.51
CA VAL A 57 -21.49 4.89 -11.23
C VAL A 57 -22.93 4.74 -10.76
N ALA A 58 -23.34 5.62 -9.85
CA ALA A 58 -24.70 5.63 -9.37
C ALA A 58 -25.27 6.81 -10.17
N SER A 59 -26.31 6.56 -10.94
N SER A 59 -26.31 6.55 -10.96
CA SER A 59 -26.90 7.61 -11.76
CA SER A 59 -26.90 7.60 -11.78
C SER A 59 -28.40 7.77 -11.54
C SER A 59 -28.40 7.76 -11.56
N ASP A 60 -28.92 8.94 -11.87
CA ASP A 60 -30.34 9.22 -11.72
C ASP A 60 -30.97 9.25 -13.11
N ALA A 61 -32.27 9.57 -13.16
CA ALA A 61 -33.00 9.60 -14.42
C ALA A 61 -32.40 10.54 -15.45
N ALA A 62 -31.78 11.62 -15.00
CA ALA A 62 -31.16 12.58 -15.92
C ALA A 62 -29.81 12.10 -16.42
N GLY A 63 -29.33 10.99 -15.88
CA GLY A 63 -28.05 10.45 -16.30
C GLY A 63 -26.86 11.06 -15.59
N GLU A 64 -27.13 11.84 -14.54
CA GLU A 64 -26.07 12.48 -13.78
C GLU A 64 -25.31 11.48 -12.92
N VAL A 65 -24.01 11.71 -12.76
CA VAL A 65 -23.17 10.84 -11.94
C VAL A 65 -23.33 11.33 -10.51
N LEU A 66 -24.02 10.56 -9.68
CA LEU A 66 -24.25 10.93 -8.29
C LEU A 66 -23.17 10.37 -7.38
N GLY A 67 -22.35 9.49 -7.95
CA GLY A 67 -21.26 8.89 -7.20
C GLY A 67 -20.63 7.80 -8.03
N TYR A 68 -19.42 7.38 -7.66
CA TYR A 68 -18.77 6.30 -8.40
C TYR A 68 -17.89 5.49 -7.47
N ALA A 69 -17.50 4.31 -7.93
CA ALA A 69 -16.66 3.42 -7.14
C ALA A 69 -15.84 2.54 -8.07
N SER A 70 -14.71 2.07 -7.57
CA SER A 70 -13.85 1.23 -8.36
C SER A 70 -12.81 0.62 -7.43
N TYR A 71 -11.98 -0.25 -7.98
CA TYR A 71 -10.89 -0.79 -7.21
C TYR A 71 -9.73 -1.12 -8.13
N GLY A 72 -8.57 -1.29 -7.51
CA GLY A 72 -7.36 -1.59 -8.26
C GLY A 72 -6.38 -2.27 -7.35
N ASP A 73 -5.15 -2.44 -7.83
CA ASP A 73 -4.14 -3.12 -7.04
C ASP A 73 -3.88 -2.39 -5.72
N TRP A 74 -3.55 -3.17 -4.70
CA TRP A 74 -3.27 -2.60 -3.38
C TRP A 74 -1.77 -2.39 -3.16
N ARG A 75 -0.97 -3.42 -3.43
CA ARG A 75 0.47 -3.34 -3.27
C ARG A 75 1.16 -3.94 -4.51
N PRO A 76 2.28 -3.34 -4.93
CA PRO A 76 3.07 -3.75 -6.10
C PRO A 76 3.94 -5.02 -6.03
N PHE A 77 3.33 -6.14 -5.66
CA PHE A 77 4.04 -7.42 -5.60
C PHE A 77 3.09 -8.51 -6.08
N GLU A 78 3.61 -9.50 -6.78
CA GLU A 78 2.80 -10.60 -7.30
C GLU A 78 1.92 -11.27 -6.23
N GLY A 79 2.48 -11.40 -5.02
CA GLY A 79 1.76 -12.04 -3.94
C GLY A 79 0.45 -11.38 -3.51
N PHE A 80 0.22 -10.14 -3.92
CA PHE A 80 -1.01 -9.45 -3.54
C PHE A 80 -2.08 -9.44 -4.62
N ARG A 81 -1.91 -10.26 -5.64
CA ARG A 81 -2.87 -10.29 -6.75
C ARG A 81 -4.30 -10.70 -6.38
N GLY A 82 -4.50 -11.27 -5.20
CA GLY A 82 -5.84 -11.66 -4.81
C GLY A 82 -6.46 -10.56 -3.95
N THR A 83 -5.72 -9.47 -3.78
CA THR A 83 -6.19 -8.35 -2.96
C THR A 83 -6.28 -7.04 -3.75
N VAL A 84 -7.40 -6.35 -3.62
CA VAL A 84 -7.60 -5.06 -4.29
C VAL A 84 -7.99 -3.99 -3.29
N GLU A 85 -7.65 -2.74 -3.60
CA GLU A 85 -8.02 -1.62 -2.74
C GLU A 85 -9.10 -0.86 -3.49
N HIS A 86 -10.20 -0.57 -2.81
CA HIS A 86 -11.28 0.13 -3.48
C HIS A 86 -11.42 1.60 -3.08
N SER A 87 -12.22 2.32 -3.85
N SER A 87 -12.21 2.32 -3.87
CA SER A 87 -12.48 3.74 -3.60
CA SER A 87 -12.47 3.73 -3.66
C SER A 87 -13.96 3.96 -3.90
C SER A 87 -13.98 3.93 -3.90
N VAL A 88 -14.61 4.78 -3.11
CA VAL A 88 -16.03 5.06 -3.28
C VAL A 88 -16.22 6.55 -3.02
N TYR A 89 -16.80 7.25 -3.99
CA TYR A 89 -17.03 8.68 -3.85
C TYR A 89 -18.49 9.02 -4.16
N VAL A 90 -19.16 9.67 -3.22
CA VAL A 90 -20.54 10.06 -3.44
C VAL A 90 -20.56 11.58 -3.61
N ARG A 91 -21.36 12.07 -4.55
CA ARG A 91 -21.42 13.52 -4.77
C ARG A 91 -21.85 14.18 -3.47
N ASP A 92 -21.26 15.33 -3.17
CA ASP A 92 -21.52 16.00 -1.91
C ASP A 92 -22.95 16.43 -1.54
N ASP A 93 -23.83 16.52 -2.51
CA ASP A 93 -25.21 16.90 -2.25
C ASP A 93 -26.08 15.65 -2.16
N GLN A 94 -25.47 14.49 -2.32
CA GLN A 94 -26.22 13.24 -2.29
C GLN A 94 -25.99 12.34 -1.08
N ARG A 95 -25.49 12.93 -0.02
CA ARG A 95 -25.23 12.13 1.16
C ARG A 95 -26.53 11.84 1.92
N GLY A 96 -26.52 10.75 2.68
CA GLY A 96 -27.70 10.36 3.43
C GLY A 96 -28.75 9.67 2.56
N LYS A 97 -28.39 9.31 1.33
CA LYS A 97 -29.32 8.66 0.42
C LYS A 97 -28.89 7.23 0.11
N GLY A 98 -28.00 6.70 0.95
CA GLY A 98 -27.53 5.33 0.81
C GLY A 98 -26.79 4.96 -0.46
N LEU A 99 -26.26 5.95 -1.18
CA LEU A 99 -25.54 5.67 -2.41
C LEU A 99 -24.20 4.98 -2.17
N GLY A 100 -23.57 5.28 -1.02
CA GLY A 100 -22.30 4.64 -0.71
C GLY A 100 -22.48 3.16 -0.50
N VAL A 101 -23.52 2.79 0.24
CA VAL A 101 -23.80 1.39 0.49
C VAL A 101 -24.13 0.68 -0.82
N GLN A 102 -24.94 1.34 -1.65
CA GLN A 102 -25.34 0.77 -2.94
C GLN A 102 -24.12 0.49 -3.82
N LEU A 103 -23.23 1.47 -3.93
CA LEU A 103 -22.02 1.32 -4.74
C LEU A 103 -21.08 0.26 -4.19
N LEU A 104 -20.86 0.27 -2.89
CA LEU A 104 -19.96 -0.70 -2.27
C LEU A 104 -20.48 -2.13 -2.40
N GLN A 105 -21.79 -2.32 -2.19
CA GLN A 105 -22.37 -3.65 -2.31
C GLN A 105 -22.20 -4.18 -3.73
N ALA A 106 -22.38 -3.31 -4.71
CA ALA A 106 -22.22 -3.69 -6.11
C ALA A 106 -20.76 -4.02 -6.42
N LEU A 107 -19.85 -3.23 -5.85
CA LEU A 107 -18.42 -3.43 -6.07
C LEU A 107 -17.98 -4.77 -5.47
N ILE A 108 -18.51 -5.10 -4.30
CA ILE A 108 -18.18 -6.36 -3.63
C ILE A 108 -18.57 -7.55 -4.48
N GLU A 109 -19.76 -7.49 -5.09
CA GLU A 109 -20.21 -8.57 -5.94
C GLU A 109 -19.33 -8.75 -7.16
N ARG A 110 -18.87 -7.63 -7.73
N ARG A 110 -18.87 -7.63 -7.72
CA ARG A 110 -17.99 -7.70 -8.89
CA ARG A 110 -18.00 -7.69 -8.88
C ARG A 110 -16.66 -8.32 -8.50
C ARG A 110 -16.66 -8.30 -8.51
N ALA A 111 -16.12 -7.90 -7.37
CA ALA A 111 -14.84 -8.41 -6.89
C ALA A 111 -14.90 -9.91 -6.63
N ARG A 112 -16.00 -10.36 -6.03
CA ARG A 112 -16.15 -11.78 -5.72
C ARG A 112 -16.27 -12.57 -7.02
N ALA A 113 -16.99 -12.02 -7.99
CA ALA A 113 -17.17 -12.68 -9.28
C ALA A 113 -15.87 -12.75 -10.09
N GLN A 114 -14.96 -11.81 -9.86
CA GLN A 114 -13.68 -11.78 -10.57
C GLN A 114 -12.70 -12.79 -9.96
N GLY A 115 -13.11 -13.41 -8.86
CA GLY A 115 -12.27 -14.39 -8.20
C GLY A 115 -11.26 -13.82 -7.22
N LEU A 116 -11.47 -12.57 -6.80
CA LEU A 116 -10.57 -11.92 -5.85
C LEU A 116 -10.81 -12.46 -4.44
N HIS A 117 -9.80 -12.35 -3.58
CA HIS A 117 -9.91 -12.89 -2.23
C HIS A 117 -10.18 -11.85 -1.14
N VAL A 118 -9.60 -10.66 -1.26
CA VAL A 118 -9.79 -9.64 -0.24
C VAL A 118 -9.90 -8.23 -0.79
N MET A 119 -10.83 -7.45 -0.22
N MET A 119 -10.81 -7.44 -0.20
CA MET A 119 -11.00 -6.06 -0.61
CA MET A 119 -10.99 -6.05 -0.58
C MET A 119 -10.55 -5.21 0.58
C MET A 119 -10.55 -5.20 0.61
N VAL A 120 -9.69 -4.23 0.31
N VAL A 120 -9.70 -4.22 0.35
CA VAL A 120 -9.16 -3.34 1.35
CA VAL A 120 -9.21 -3.36 1.41
C VAL A 120 -9.68 -1.90 1.18
C VAL A 120 -9.69 -1.92 1.20
N ALA A 121 -10.02 -1.27 2.30
CA ALA A 121 -10.47 0.11 2.29
C ALA A 121 -9.40 0.90 3.04
N ALA A 122 -9.04 2.07 2.53
CA ALA A 122 -8.05 2.93 3.15
C ALA A 122 -8.83 4.19 3.51
N ILE A 123 -9.14 4.32 4.79
CA ILE A 123 -9.96 5.43 5.29
C ILE A 123 -9.25 6.33 6.31
N GLU A 124 -9.41 7.65 6.18
CA GLU A 124 -8.81 8.56 7.16
C GLU A 124 -9.52 8.21 8.48
N SER A 125 -8.73 7.93 9.50
CA SER A 125 -9.26 7.49 10.79
C SER A 125 -10.41 8.27 11.44
N GLY A 126 -10.49 9.57 11.16
CA GLY A 126 -11.55 10.36 11.75
C GLY A 126 -12.88 10.27 11.01
N ASN A 127 -12.90 9.56 9.89
CA ASN A 127 -14.14 9.42 9.11
C ASN A 127 -15.02 8.32 9.72
N ALA A 128 -15.65 8.64 10.85
CA ALA A 128 -16.51 7.69 11.54
C ALA A 128 -17.62 7.14 10.66
N ALA A 129 -18.24 7.99 9.85
CA ALA A 129 -19.33 7.58 8.97
C ALA A 129 -18.90 6.46 8.02
N SER A 130 -17.77 6.67 7.34
CA SER A 130 -17.26 5.67 6.41
C SER A 130 -16.86 4.36 7.10
N ILE A 131 -16.20 4.47 8.24
CA ILE A 131 -15.79 3.26 8.97
C ILE A 131 -17.04 2.48 9.39
N GLY A 132 -18.07 3.19 9.85
CA GLY A 132 -19.29 2.52 10.26
C GLY A 132 -19.98 1.82 9.09
N LEU A 133 -19.98 2.48 7.94
CA LEU A 133 -20.60 1.92 6.74
C LEU A 133 -19.91 0.62 6.36
N HIS A 134 -18.58 0.62 6.39
CA HIS A 134 -17.82 -0.57 6.07
C HIS A 134 -18.03 -1.68 7.09
N ARG A 135 -18.10 -1.31 8.37
CA ARG A 135 -18.32 -2.30 9.42
C ARG A 135 -19.62 -3.01 9.19
N ARG A 136 -20.62 -2.29 8.73
N ARG A 136 -20.64 -2.26 8.77
CA ARG A 136 -21.90 -2.90 8.49
CA ARG A 136 -21.94 -2.81 8.49
C ARG A 136 -21.91 -3.80 7.27
C ARG A 136 -21.93 -3.75 7.27
N LEU A 137 -20.94 -3.61 6.39
CA LEU A 137 -20.88 -4.45 5.21
C LEU A 137 -19.92 -5.63 5.44
N GLY A 138 -19.55 -5.86 6.69
CA GLY A 138 -18.69 -6.97 7.02
C GLY A 138 -17.20 -6.70 7.08
N PHE A 139 -16.78 -5.46 6.80
CA PHE A 139 -15.36 -5.12 6.84
C PHE A 139 -14.88 -5.03 8.29
N GLU A 140 -13.67 -5.52 8.52
CA GLU A 140 -13.10 -5.44 9.87
C GLU A 140 -11.87 -4.54 9.81
N ILE A 141 -11.56 -3.88 10.92
N ILE A 141 -11.57 -3.92 10.94
CA ILE A 141 -10.41 -3.02 11.01
CA ILE A 141 -10.41 -3.04 11.06
C ILE A 141 -9.16 -3.91 11.05
C ILE A 141 -9.17 -3.93 11.05
N SER A 142 -8.21 -3.63 10.17
CA SER A 142 -6.99 -4.43 10.13
C SER A 142 -5.72 -3.57 10.15
N GLY A 143 -5.89 -2.25 10.27
CA GLY A 143 -4.76 -1.37 10.32
C GLY A 143 -5.14 -0.01 10.91
N GLN A 144 -4.28 0.52 11.77
CA GLN A 144 -4.49 1.83 12.38
C GLN A 144 -3.12 2.47 12.46
N MET A 145 -2.82 3.30 11.49
CA MET A 145 -1.51 3.90 11.38
C MET A 145 -1.44 5.41 11.62
N PRO A 146 -0.86 5.79 12.75
CA PRO A 146 -0.74 7.21 13.11
C PRO A 146 0.27 8.05 12.33
N GLN A 147 -0.21 9.20 11.89
CA GLN A 147 0.59 10.18 11.17
C GLN A 147 1.36 9.72 9.94
N VAL A 148 0.82 8.75 9.22
CA VAL A 148 1.48 8.28 8.01
C VAL A 148 1.17 9.16 6.80
N GLY A 149 0.23 10.09 6.99
CA GLY A 149 -0.12 10.98 5.90
C GLY A 149 -0.27 12.43 6.34
N GLN A 150 -0.54 13.30 5.38
CA GLN A 150 -0.72 14.71 5.67
C GLN A 150 -1.57 15.37 4.60
N LYS A 151 -2.28 16.42 5.00
CA LYS A 151 -3.09 17.20 4.10
C LYS A 151 -3.54 18.43 4.88
N PHE A 152 -3.72 19.55 4.18
CA PHE A 152 -4.15 20.79 4.82
C PHE A 152 -3.18 21.22 5.90
N GLY A 153 -1.92 20.81 5.78
CA GLY A 153 -0.92 21.19 6.75
C GLY A 153 -0.96 20.48 8.09
N ARG A 154 -1.64 19.33 8.16
CA ARG A 154 -1.68 18.57 9.41
C ARG A 154 -1.45 17.09 9.14
N TRP A 155 -0.98 16.36 10.15
CA TRP A 155 -0.75 14.93 10.01
C TRP A 155 -2.11 14.24 10.01
N LEU A 156 -2.20 13.14 9.27
CA LEU A 156 -3.42 12.36 9.20
C LEU A 156 -3.13 10.90 9.54
N ASP A 157 -4.11 10.25 10.15
CA ASP A 157 -4.00 8.85 10.54
C ASP A 157 -4.78 8.03 9.52
N LEU A 158 -4.29 6.84 9.21
CA LEU A 158 -4.94 5.96 8.24
C LEU A 158 -5.49 4.69 8.88
N THR A 159 -6.70 4.32 8.51
CA THR A 159 -7.31 3.10 9.01
C THR A 159 -7.52 2.17 7.82
N PHE A 160 -7.04 0.94 7.95
CA PHE A 160 -7.24 -0.08 6.93
C PHE A 160 -8.37 -0.98 7.41
N MET A 161 -9.25 -1.34 6.49
CA MET A 161 -10.34 -2.24 6.81
C MET A 161 -10.34 -3.26 5.68
N GLN A 162 -10.77 -4.48 5.98
CA GLN A 162 -10.78 -5.48 4.93
C GLN A 162 -11.93 -6.46 5.04
N LEU A 163 -12.28 -7.02 3.89
CA LEU A 163 -13.36 -7.98 3.76
C LEU A 163 -12.86 -9.17 2.96
N ASN A 164 -12.95 -10.36 3.54
CA ASN A 164 -12.54 -11.58 2.86
C ASN A 164 -13.73 -11.96 2.00
N LEU A 165 -13.51 -11.98 0.69
CA LEU A 165 -14.56 -12.28 -0.28
C LEU A 165 -14.91 -13.75 -0.44
N ASP A 166 -14.04 -14.63 0.03
CA ASP A 166 -14.27 -16.06 -0.12
C ASP A 166 -13.54 -16.78 0.99
N PRO A 167 -14.02 -16.61 2.24
CA PRO A 167 -13.41 -17.22 3.41
C PRO A 167 -13.35 -18.76 3.43
N THR A 168 -14.10 -19.41 2.53
CA THR A 168 -14.06 -20.88 2.51
C THR A 168 -13.00 -21.42 1.56
N ARG A 169 -12.37 -20.54 0.80
CA ARG A 169 -11.32 -20.98 -0.10
C ARG A 169 -10.05 -21.09 0.74
N SER A 170 -9.70 -22.31 1.05
CA SER A 170 -8.56 -22.69 1.89
C SER A 170 -7.19 -22.31 1.35
N ALA A 171 -7.03 -22.29 0.04
CA ALA A 171 -5.75 -21.94 -0.57
C ALA A 171 -6.03 -21.21 -1.87
N PRO A 172 -5.07 -20.40 -2.35
CA PRO A 172 -5.31 -19.69 -3.61
C PRO A 172 -5.53 -20.64 -4.80
N ALA B 3 30.97 -7.04 10.55
CA ALA B 3 30.65 -6.42 9.23
C ALA B 3 30.59 -4.90 9.31
N SER B 4 30.79 -4.22 8.18
CA SER B 4 30.74 -2.76 8.11
C SER B 4 29.58 -2.35 7.21
N ILE B 5 28.94 -1.22 7.52
CA ILE B 5 27.82 -0.73 6.73
C ILE B 5 28.28 0.44 5.85
N ARG B 6 27.91 0.40 4.58
CA ARG B 6 28.28 1.46 3.65
C ARG B 6 27.25 1.54 2.52
N ASP B 7 27.32 2.61 1.73
CA ASP B 7 26.41 2.79 0.62
C ASP B 7 26.78 1.78 -0.47
N ALA B 8 25.78 1.28 -1.17
CA ALA B 8 26.01 0.32 -2.24
C ALA B 8 26.55 1.04 -3.48
N GLY B 9 27.42 0.34 -4.20
CA GLY B 9 27.97 0.88 -5.43
C GLY B 9 27.55 -0.09 -6.52
N VAL B 10 27.77 0.27 -7.78
CA VAL B 10 27.39 -0.61 -8.88
C VAL B 10 27.99 -2.01 -8.72
N ALA B 11 29.22 -2.09 -8.20
CA ALA B 11 29.88 -3.37 -8.03
C ALA B 11 29.21 -4.28 -7.00
N ASP B 12 28.31 -3.73 -6.19
CA ASP B 12 27.60 -4.51 -5.17
C ASP B 12 26.31 -5.11 -5.69
N LEU B 13 25.88 -4.67 -6.88
CA LEU B 13 24.62 -5.15 -7.44
C LEU B 13 24.54 -6.67 -7.64
N PRO B 14 25.62 -7.30 -8.13
CA PRO B 14 25.56 -8.76 -8.32
C PRO B 14 25.28 -9.48 -7.00
N GLY B 15 25.90 -9.01 -5.92
CA GLY B 15 25.70 -9.62 -4.62
C GLY B 15 24.30 -9.36 -4.09
N ILE B 16 23.81 -8.14 -4.32
CA ILE B 16 22.46 -7.76 -3.91
C ILE B 16 21.45 -8.62 -4.67
N LEU B 17 21.70 -8.79 -5.96
CA LEU B 17 20.83 -9.59 -6.82
C LEU B 17 20.71 -11.03 -6.31
N ALA B 18 21.84 -11.63 -5.94
CA ALA B 18 21.84 -13.00 -5.44
C ALA B 18 21.01 -13.13 -4.15
N ILE B 19 21.16 -12.17 -3.25
CA ILE B 19 20.42 -12.19 -1.99
C ILE B 19 18.93 -12.02 -2.25
N TYR B 20 18.58 -11.08 -3.14
CA TYR B 20 17.19 -10.83 -3.48
C TYR B 20 16.54 -12.08 -4.09
N ASN B 21 17.19 -12.67 -5.09
CA ASN B 21 16.62 -13.84 -5.75
C ASN B 21 16.52 -15.06 -4.83
N ASP B 22 17.37 -15.13 -3.82
CA ASP B 22 17.33 -16.24 -2.88
C ASP B 22 16.07 -16.06 -2.01
N ALA B 23 15.80 -14.81 -1.64
CA ALA B 23 14.62 -14.50 -0.84
C ALA B 23 13.38 -14.79 -1.68
N VAL B 24 13.44 -14.45 -2.96
CA VAL B 24 12.32 -14.70 -3.87
C VAL B 24 12.00 -16.19 -3.99
N GLY B 25 13.05 -16.99 -4.18
CA GLY B 25 12.82 -18.42 -4.35
C GLY B 25 12.64 -19.25 -3.09
N ASN B 26 13.16 -18.79 -1.96
CA ASN B 26 13.07 -19.59 -0.75
C ASN B 26 12.35 -19.05 0.49
N THR B 27 11.93 -17.79 0.48
CA THR B 27 11.26 -17.25 1.67
C THR B 27 9.96 -16.51 1.41
N THR B 28 9.36 -16.02 2.49
CA THR B 28 8.13 -15.26 2.44
C THR B 28 8.46 -13.81 2.81
N ALA B 29 9.74 -13.47 2.75
CA ALA B 29 10.16 -12.11 3.07
C ALA B 29 9.76 -11.15 1.96
N ILE B 30 9.67 -11.68 0.75
CA ILE B 30 9.30 -10.88 -0.41
C ILE B 30 8.22 -11.68 -1.15
N TRP B 31 7.05 -11.07 -1.33
CA TRP B 31 5.95 -11.77 -1.99
C TRP B 31 5.93 -11.68 -3.50
N ASN B 32 7.03 -12.16 -4.10
CA ASN B 32 7.23 -12.25 -5.54
C ASN B 32 7.82 -13.64 -5.71
N GLU B 33 7.46 -14.33 -6.78
CA GLU B 33 7.99 -15.66 -7.01
C GLU B 33 8.87 -15.72 -8.26
N THR B 34 8.90 -14.62 -9.01
CA THR B 34 9.70 -14.54 -10.24
C THR B 34 11.03 -13.85 -9.95
N PRO B 35 12.15 -14.51 -10.29
CA PRO B 35 13.45 -13.88 -10.04
C PRO B 35 13.64 -12.70 -11.01
N VAL B 36 14.54 -11.79 -10.65
CA VAL B 36 14.82 -10.63 -11.50
C VAL B 36 16.24 -10.75 -12.03
N ASP B 37 16.59 -9.89 -12.97
CA ASP B 37 17.94 -9.94 -13.52
C ASP B 37 18.75 -8.70 -13.13
N LEU B 38 20.02 -8.69 -13.51
CA LEU B 38 20.90 -7.57 -13.18
C LEU B 38 20.34 -6.24 -13.67
N ALA B 39 19.82 -6.20 -14.90
CA ALA B 39 19.28 -4.98 -15.46
C ALA B 39 18.19 -4.43 -14.54
N ASN B 40 17.36 -5.33 -14.02
CA ASN B 40 16.28 -4.94 -13.12
C ASN B 40 16.83 -4.25 -11.88
N ARG B 41 17.85 -4.83 -11.26
CA ARG B 41 18.44 -4.24 -10.07
C ARG B 41 19.23 -2.97 -10.39
N GLN B 42 19.74 -2.87 -11.61
CA GLN B 42 20.47 -1.67 -12.00
C GLN B 42 19.46 -0.52 -12.13
N ALA B 43 18.28 -0.81 -12.69
CA ALA B 43 17.25 0.21 -12.84
C ALA B 43 16.79 0.67 -11.44
N TRP B 44 16.62 -0.29 -10.55
CA TRP B 44 16.20 -0.04 -9.17
C TRP B 44 17.26 0.84 -8.48
N PHE B 45 18.52 0.48 -8.71
CA PHE B 45 19.64 1.22 -8.14
C PHE B 45 19.58 2.69 -8.59
N ASP B 46 19.33 2.90 -9.89
CA ASP B 46 19.26 4.26 -10.43
C ASP B 46 18.01 5.01 -9.97
N ALA B 47 16.90 4.30 -9.84
CA ALA B 47 15.66 4.92 -9.41
C ALA B 47 15.82 5.46 -7.99
N ARG B 48 16.48 4.68 -7.14
CA ARG B 48 16.71 5.09 -5.76
C ARG B 48 17.61 6.30 -5.68
N ALA B 49 18.71 6.28 -6.44
CA ALA B 49 19.66 7.40 -6.45
C ALA B 49 18.93 8.66 -6.90
N ARG B 50 18.07 8.50 -7.90
CA ARG B 50 17.32 9.62 -8.44
C ARG B 50 16.44 10.30 -7.38
N GLN B 51 15.87 9.49 -6.50
CA GLN B 51 15.00 9.99 -5.43
C GLN B 51 15.78 10.38 -4.18
N GLY B 52 17.07 10.08 -4.17
CA GLY B 52 17.87 10.41 -3.01
C GLY B 52 17.67 9.42 -1.88
N TYR B 53 17.09 8.25 -2.19
CA TYR B 53 16.87 7.21 -1.19
C TYR B 53 18.10 6.30 -1.16
N PRO B 54 18.58 5.95 0.03
CA PRO B 54 19.75 5.09 0.18
C PRO B 54 19.56 3.60 -0.03
N ILE B 55 20.68 2.96 -0.40
CA ILE B 55 20.77 1.51 -0.57
C ILE B 55 22.06 1.23 0.19
N LEU B 56 21.94 0.52 1.29
CA LEU B 56 23.09 0.21 2.13
C LEU B 56 23.42 -1.27 2.04
N VAL B 57 24.68 -1.61 2.27
CA VAL B 57 25.08 -3.00 2.26
C VAL B 57 25.97 -3.28 3.47
N ALA B 58 25.88 -4.49 3.98
CA ALA B 58 26.73 -4.91 5.08
C ALA B 58 27.82 -5.63 4.32
N SER B 59 29.07 -5.24 4.51
CA SER B 59 30.15 -5.87 3.77
C SER B 59 31.34 -6.15 4.65
N ASP B 60 32.26 -6.93 4.10
CA ASP B 60 33.46 -7.25 4.85
C ASP B 60 34.66 -6.61 4.18
N ALA B 61 35.83 -6.93 4.72
CA ALA B 61 37.08 -6.40 4.19
C ALA B 61 37.23 -6.75 2.70
N ALA B 62 36.80 -7.95 2.33
CA ALA B 62 36.90 -8.40 0.94
C ALA B 62 35.90 -7.68 0.05
N GLY B 63 34.85 -7.11 0.64
CA GLY B 63 33.84 -6.41 -0.14
C GLY B 63 32.67 -7.27 -0.57
N GLU B 64 32.51 -8.43 0.05
CA GLU B 64 31.41 -9.30 -0.29
C GLU B 64 30.13 -8.70 0.35
N VAL B 65 29.01 -8.85 -0.35
CA VAL B 65 27.73 -8.33 0.14
C VAL B 65 27.08 -9.37 1.05
N LEU B 66 27.04 -9.05 2.34
CA LEU B 66 26.48 -9.95 3.34
C LEU B 66 25.01 -9.65 3.61
N GLY B 67 24.56 -8.49 3.14
CA GLY B 67 23.16 -8.10 3.33
C GLY B 67 22.98 -6.69 2.82
N TYR B 68 21.72 -6.26 2.63
CA TYR B 68 21.48 -4.91 2.16
C TYR B 68 20.14 -4.39 2.68
N ALA B 69 19.94 -3.08 2.54
CA ALA B 69 18.71 -2.47 3.02
C ALA B 69 18.47 -1.19 2.25
N SER B 70 17.21 -0.81 2.12
CA SER B 70 16.86 0.41 1.41
C SER B 70 15.43 0.75 1.75
N TYR B 71 14.95 1.87 1.22
CA TYR B 71 13.56 2.25 1.39
C TYR B 71 13.11 3.07 0.21
N GLY B 72 11.80 3.11 0.02
CA GLY B 72 11.21 3.86 -1.06
C GLY B 72 9.81 4.30 -0.66
N ASP B 73 9.09 4.92 -1.58
CA ASP B 73 7.76 5.39 -1.27
C ASP B 73 6.82 4.24 -0.89
N TRP B 74 5.93 4.52 0.05
CA TRP B 74 4.99 3.52 0.53
C TRP B 74 3.70 3.46 -0.28
N ARG B 75 2.98 4.58 -0.40
CA ARG B 75 1.74 4.61 -1.15
C ARG B 75 1.78 5.75 -2.18
N PRO B 76 1.17 5.53 -3.36
CA PRO B 76 1.12 6.51 -4.45
C PRO B 76 0.15 7.69 -4.35
N PHE B 77 0.32 8.50 -3.32
CA PHE B 77 -0.50 9.70 -3.13
C PHE B 77 0.42 10.74 -2.48
N GLU B 78 0.30 11.98 -2.92
CA GLU B 78 1.12 13.07 -2.39
C GLU B 78 1.17 13.13 -0.87
N GLY B 79 0.03 12.84 -0.25
CA GLY B 79 -0.07 12.89 1.20
C GLY B 79 0.81 11.96 2.00
N PHE B 80 1.34 10.93 1.36
CA PHE B 80 2.20 9.99 2.08
C PHE B 80 3.68 10.30 1.93
N ARG B 81 3.98 11.49 1.41
CA ARG B 81 5.38 11.85 1.19
C ARG B 81 6.31 11.84 2.40
N GLY B 82 5.78 11.87 3.60
CA GLY B 82 6.68 11.83 4.75
C GLY B 82 6.92 10.39 5.22
N THR B 83 6.32 9.45 4.51
CA THR B 83 6.40 8.03 4.86
C THR B 83 7.06 7.14 3.81
N VAL B 84 7.96 6.28 4.26
CA VAL B 84 8.63 5.35 3.35
C VAL B 84 8.50 3.92 3.87
N GLU B 85 8.57 2.96 2.95
CA GLU B 85 8.51 1.55 3.33
C GLU B 85 9.91 1.04 3.05
N HIS B 86 10.51 0.38 4.04
CA HIS B 86 11.86 -0.11 3.88
C HIS B 86 11.95 -1.62 3.73
N SER B 87 13.16 -2.09 3.44
N SER B 87 13.16 -2.08 3.41
CA SER B 87 13.40 -3.53 3.29
CA SER B 87 13.46 -3.49 3.24
C SER B 87 14.82 -3.82 3.78
C SER B 87 14.84 -3.80 3.78
N VAL B 88 14.98 -4.96 4.44
CA VAL B 88 16.27 -5.37 4.97
C VAL B 88 16.44 -6.83 4.61
N TYR B 89 17.56 -7.17 3.97
CA TYR B 89 17.85 -8.53 3.55
C TYR B 89 19.21 -8.98 4.04
N VAL B 90 19.25 -10.06 4.80
CA VAL B 90 20.52 -10.61 5.28
C VAL B 90 20.75 -11.93 4.53
N ARG B 91 21.95 -12.13 4.00
CA ARG B 91 22.23 -13.37 3.28
C ARG B 91 21.99 -14.50 4.28
N ASP B 92 21.36 -15.57 3.80
CA ASP B 92 21.01 -16.70 4.66
C ASP B 92 22.07 -17.18 5.64
N ASP B 93 23.29 -17.41 5.16
CA ASP B 93 24.37 -17.91 6.00
C ASP B 93 24.86 -16.87 7.02
N GLN B 94 24.42 -15.63 6.86
CA GLN B 94 24.84 -14.56 7.77
C GLN B 94 23.80 -14.26 8.85
N ARG B 95 22.73 -15.03 8.90
CA ARG B 95 21.69 -14.82 9.91
C ARG B 95 22.23 -15.14 11.30
N GLY B 96 21.62 -14.52 12.31
CA GLY B 96 22.03 -14.75 13.69
C GLY B 96 23.30 -14.05 14.11
N LYS B 97 23.72 -13.06 13.34
CA LYS B 97 24.95 -12.32 13.64
C LYS B 97 24.72 -10.83 13.87
N GLY B 98 23.45 -10.44 13.96
CA GLY B 98 23.12 -9.05 14.19
C GLY B 98 23.27 -8.11 13.01
N LEU B 99 23.45 -8.63 11.80
CA LEU B 99 23.58 -7.76 10.63
C LEU B 99 22.27 -7.02 10.32
N GLY B 100 21.14 -7.66 10.64
CA GLY B 100 19.85 -7.02 10.39
C GLY B 100 19.73 -5.76 11.23
N VAL B 101 20.15 -5.86 12.49
CA VAL B 101 20.10 -4.73 13.40
C VAL B 101 21.01 -3.61 12.89
N GLN B 102 22.22 -3.97 12.48
CA GLN B 102 23.15 -2.97 11.98
C GLN B 102 22.60 -2.26 10.75
N LEU B 103 22.00 -3.03 9.84
CA LEU B 103 21.45 -2.45 8.63
C LEU B 103 20.27 -1.54 8.91
N LEU B 104 19.32 -2.00 9.73
CA LEU B 104 18.14 -1.22 10.02
C LEU B 104 18.47 0.05 10.83
N GLN B 105 19.40 -0.06 11.77
CA GLN B 105 19.79 1.11 12.57
C GLN B 105 20.38 2.18 11.64
N ALA B 106 21.23 1.75 10.71
CA ALA B 106 21.85 2.69 9.78
C ALA B 106 20.79 3.32 8.86
N LEU B 107 19.82 2.52 8.45
CA LEU B 107 18.76 3.00 7.57
C LEU B 107 17.89 4.04 8.29
N ILE B 108 17.59 3.78 9.56
CA ILE B 108 16.78 4.68 10.37
C ILE B 108 17.49 6.04 10.48
N GLU B 109 18.79 6.00 10.69
CA GLU B 109 19.54 7.24 10.81
C GLU B 109 19.56 8.02 9.50
N ARG B 110 19.62 7.33 8.35
CA ARG B 110 19.60 8.05 7.07
C ARG B 110 18.22 8.65 6.80
N ALA B 111 17.18 7.90 7.13
CA ALA B 111 15.80 8.35 6.93
C ALA B 111 15.52 9.60 7.76
N ARG B 112 15.98 9.56 9.00
CA ARG B 112 15.78 10.67 9.90
C ARG B 112 16.56 11.89 9.41
N ALA B 113 17.79 11.67 8.94
CA ALA B 113 18.63 12.75 8.43
C ALA B 113 18.01 13.38 7.17
N GLN B 114 17.25 12.60 6.42
CA GLN B 114 16.60 13.08 5.21
C GLN B 114 15.32 13.84 5.55
N GLY B 115 14.99 13.89 6.84
CA GLY B 115 13.79 14.60 7.24
C GLY B 115 12.46 13.89 7.05
N LEU B 116 12.51 12.57 6.90
CA LEU B 116 11.30 11.78 6.73
C LEU B 116 10.58 11.68 8.08
N HIS B 117 9.31 11.28 8.06
CA HIS B 117 8.53 11.22 9.30
C HIS B 117 8.24 9.81 9.81
N VAL B 118 7.92 8.90 8.91
CA VAL B 118 7.57 7.55 9.33
C VAL B 118 8.13 6.45 8.45
N MET B 119 8.57 5.38 9.08
N MET B 119 8.60 5.37 9.07
CA MET B 119 9.10 4.21 8.37
CA MET B 119 9.11 4.23 8.31
C MET B 119 8.11 3.08 8.59
C MET B 119 8.12 3.09 8.58
N VAL B 120 7.66 2.46 7.50
CA VAL B 120 6.71 1.37 7.58
C VAL B 120 7.35 0.05 7.18
N ALA B 121 7.08 -0.99 7.95
CA ALA B 121 7.58 -2.33 7.68
C ALA B 121 6.39 -3.22 7.36
N ALA B 122 6.50 -4.02 6.31
CA ALA B 122 5.46 -4.95 5.88
C ALA B 122 6.09 -6.33 6.06
N ILE B 123 5.71 -7.01 7.12
CA ILE B 123 6.32 -8.30 7.46
C ILE B 123 5.32 -9.46 7.47
N GLU B 124 5.73 -10.59 6.90
CA GLU B 124 4.86 -11.75 6.90
C GLU B 124 4.65 -12.09 8.39
N SER B 125 3.40 -12.25 8.78
CA SER B 125 3.06 -12.47 10.18
C SER B 125 3.77 -13.55 10.98
N GLY B 126 4.23 -14.61 10.33
CA GLY B 126 4.92 -15.67 11.05
C GLY B 126 6.40 -15.40 11.24
N ASN B 127 6.91 -14.31 10.66
CA ASN B 127 8.32 -13.97 10.78
C ASN B 127 8.63 -13.30 12.11
N ALA B 128 8.64 -14.10 13.18
CA ALA B 128 8.90 -13.58 14.53
C ALA B 128 10.27 -12.94 14.65
N ALA B 129 11.26 -13.47 13.93
CA ALA B 129 12.60 -12.90 13.99
C ALA B 129 12.59 -11.45 13.53
N SER B 130 11.92 -11.18 12.41
CA SER B 130 11.86 -9.83 11.87
C SER B 130 11.01 -8.90 12.73
N ILE B 131 9.88 -9.41 13.20
CA ILE B 131 9.02 -8.59 14.05
C ILE B 131 9.78 -8.16 15.31
N GLY B 132 10.54 -9.10 15.88
CA GLY B 132 11.31 -8.78 17.06
C GLY B 132 12.39 -7.74 16.80
N LEU B 133 13.14 -7.89 15.70
CA LEU B 133 14.18 -6.94 15.33
C LEU B 133 13.60 -5.54 15.27
N HIS B 134 12.47 -5.40 14.59
CA HIS B 134 11.82 -4.10 14.47
C HIS B 134 11.34 -3.55 15.79
N ARG B 135 10.74 -4.41 16.59
CA ARG B 135 10.21 -3.99 17.88
C ARG B 135 11.31 -3.39 18.74
N ARG B 136 12.45 -4.06 18.74
CA ARG B 136 13.55 -3.57 19.54
C ARG B 136 14.22 -2.33 19.00
N LEU B 137 13.83 -1.90 17.80
CA LEU B 137 14.38 -0.68 17.25
C LEU B 137 13.33 0.43 17.26
N GLY B 138 12.29 0.24 18.07
CA GLY B 138 11.26 1.25 18.19
C GLY B 138 9.98 1.11 17.38
N PHE B 139 9.91 0.11 16.51
CA PHE B 139 8.72 -0.09 15.70
C PHE B 139 7.58 -0.66 16.53
N GLU B 140 6.36 -0.25 16.20
CA GLU B 140 5.17 -0.75 16.88
C GLU B 140 4.24 -1.37 15.85
N ILE B 141 3.56 -2.45 16.25
CA ILE B 141 2.62 -3.10 15.34
C ILE B 141 1.46 -2.13 15.09
N SER B 142 1.11 -1.95 13.83
N SER B 142 1.10 -1.94 13.83
CA SER B 142 0.04 -1.03 13.46
CA SER B 142 0.01 -1.03 13.46
C SER B 142 -1.03 -1.70 12.59
C SER B 142 -1.06 -1.71 12.62
N GLY B 143 -0.83 -2.97 12.27
CA GLY B 143 -1.82 -3.68 11.47
C GLY B 143 -1.58 -5.17 11.37
N GLN B 144 -2.67 -5.93 11.25
CA GLN B 144 -2.65 -7.38 11.12
C GLN B 144 -3.70 -7.66 10.04
N MET B 145 -3.23 -8.00 8.84
CA MET B 145 -4.11 -8.23 7.72
C MET B 145 -4.05 -9.67 7.19
N PRO B 146 -5.04 -10.47 7.57
CA PRO B 146 -5.06 -11.88 7.15
C PRO B 146 -5.40 -12.20 5.69
N GLN B 147 -4.66 -13.16 5.15
N GLN B 147 -4.65 -13.16 5.15
CA GLN B 147 -4.83 -13.66 3.78
CA GLN B 147 -4.85 -13.66 3.79
C GLN B 147 -4.80 -12.62 2.66
C GLN B 147 -4.80 -12.62 2.66
N VAL B 148 -4.06 -11.54 2.86
CA VAL B 148 -3.94 -10.51 1.84
C VAL B 148 -2.85 -10.87 0.83
N GLY B 149 -2.08 -11.90 1.14
CA GLY B 149 -1.03 -12.31 0.24
C GLY B 149 -1.06 -13.80 -0.04
N GLN B 150 -0.21 -14.23 -0.98
CA GLN B 150 -0.10 -15.64 -1.32
C GLN B 150 1.28 -15.93 -1.88
N LYS B 151 1.80 -17.11 -1.56
CA LYS B 151 3.08 -17.54 -2.07
C LYS B 151 3.17 -19.03 -1.79
N PHE B 152 3.86 -19.75 -2.67
CA PHE B 152 4.04 -21.19 -2.50
C PHE B 152 2.70 -21.91 -2.40
N GLY B 153 1.68 -21.35 -3.05
CA GLY B 153 0.37 -21.97 -3.04
C GLY B 153 -0.45 -21.83 -1.77
N ARG B 154 -0.05 -20.94 -0.87
CA ARG B 154 -0.83 -20.75 0.36
C ARG B 154 -1.09 -19.27 0.66
N TRP B 155 -2.15 -19.00 1.42
CA TRP B 155 -2.47 -17.62 1.81
C TRP B 155 -1.47 -17.19 2.87
N LEU B 156 -1.14 -15.91 2.88
CA LEU B 156 -0.19 -15.37 3.85
C LEU B 156 -0.81 -14.15 4.53
N ASP B 157 -0.44 -13.94 5.78
CA ASP B 157 -0.94 -12.80 6.56
C ASP B 157 0.16 -11.75 6.62
N LEU B 158 -0.24 -10.48 6.63
CA LEU B 158 0.72 -9.40 6.68
C LEU B 158 0.62 -8.60 7.98
N THR B 159 1.76 -8.35 8.60
CA THR B 159 1.80 -7.54 9.81
C THR B 159 2.48 -6.23 9.44
N PHE B 160 1.84 -5.11 9.77
CA PHE B 160 2.43 -3.79 9.51
C PHE B 160 3.02 -3.27 10.82
N MET B 161 4.19 -2.65 10.72
CA MET B 161 4.82 -2.04 11.87
C MET B 161 5.32 -0.68 11.42
N GLN B 162 5.47 0.25 12.35
CA GLN B 162 5.95 1.56 11.97
C GLN B 162 6.73 2.24 13.07
N LEU B 163 7.62 3.13 12.65
CA LEU B 163 8.46 3.90 13.56
C LEU B 163 8.34 5.37 13.20
N ASN B 164 7.98 6.19 14.18
CA ASN B 164 7.88 7.62 13.96
C ASN B 164 9.29 8.17 14.19
N LEU B 165 9.89 8.71 13.14
CA LEU B 165 11.25 9.24 13.20
C LEU B 165 11.44 10.59 13.90
N ASP B 166 10.35 11.33 14.08
CA ASP B 166 10.42 12.65 14.70
C ASP B 166 9.13 12.87 15.49
N PRO B 167 8.96 12.19 16.62
CA PRO B 167 7.76 12.31 17.46
C PRO B 167 7.40 13.72 17.92
N THR B 168 8.39 14.59 18.07
CA THR B 168 8.12 15.96 18.51
C THR B 168 7.65 16.89 17.40
N ARG B 169 7.71 16.43 16.16
CA ARG B 169 7.27 17.24 15.03
C ARG B 169 5.75 17.11 14.95
N SER B 170 5.05 18.01 15.64
CA SER B 170 3.60 17.99 15.73
C SER B 170 2.86 18.34 14.45
N ALA B 171 3.55 18.93 13.48
CA ALA B 171 2.90 19.28 12.21
C ALA B 171 3.90 19.24 11.08
N PRO B 172 3.44 18.90 9.86
CA PRO B 172 4.35 18.84 8.73
C PRO B 172 4.87 20.23 8.36
C1 GOL C . -25.88 8.49 7.36
O1 GOL C . -26.68 7.78 6.17
C2 GOL C . -26.66 9.54 7.85
O2 GOL C . -26.36 9.74 9.16
C3 GOL C . -26.37 10.54 7.22
O3 GOL C . -27.54 11.57 7.32
C1 GOL D . 0.16 -6.95 -9.29
O1 GOL D . -0.08 -8.54 -9.14
C2 GOL D . 0.04 -6.28 -8.06
O2 GOL D . 0.13 -4.95 -8.27
C3 GOL D . -1.04 -6.52 -7.55
O3 GOL D . -0.84 -7.57 -6.42
N1 AZI E . -10.40 5.16 -8.13
N2 AZI E . -10.62 6.39 -8.11
N3 AZI E . -10.82 7.47 -8.10
N1 AZI F . -18.41 -15.64 -0.24
N2 AZI F . -18.64 -15.22 0.93
N3 AZI F . -18.83 -14.85 1.93
OXT MSL G . -7.76 3.71 -3.88
C MSL G . -7.84 4.91 -3.63
O MSL G . -7.55 5.73 -4.49
CA MSL G . -8.28 5.38 -2.24
N MSL G . -8.72 4.22 -1.45
CB MSL G . -7.09 6.04 -1.54
CG MSL G . -7.50 6.66 -0.21
SD MSL G . -6.10 7.48 0.65
OE MSL G . -5.02 6.49 0.96
NE MSL G . -6.63 8.22 2.00
CE MSL G . -5.53 8.66 -0.56
N1 AZI H . 15.06 -3.06 23.16
N2 AZI H . 15.99 -2.79 22.36
N3 AZI H . 16.80 -2.56 21.67
N1 AZI I . 18.68 -12.33 10.43
N2 AZI I . 19.52 -11.43 10.70
N3 AZI I . 20.25 -10.65 10.94
OXT MSL J . 9.50 -2.82 0.26
C MSL J . 9.71 -4.02 0.01
O MSL J . 10.18 -4.33 -1.08
CA MSL J . 9.39 -5.08 1.06
N MSL J . 9.31 -4.46 2.38
CB MSL J . 8.05 -5.73 0.71
CG MSL J . 7.71 -6.90 1.64
SD MSL J . 6.20 -7.81 1.15
OE MSL J . 5.01 -6.90 1.18
NE MSL J . 5.97 -9.11 2.11
CE MSL J . 6.58 -8.30 -0.51
#